data_5OP8
#
_entry.id   5OP8
#
_cell.length_a   86.180
_cell.length_b   86.180
_cell.length_c   148.200
_cell.angle_alpha   90.00
_cell.angle_beta   90.00
_cell.angle_gamma   90.00
#
_symmetry.space_group_name_H-M   'P 41 21 2'
#
loop_
_entity.id
_entity.type
_entity.pdbx_description
1 polymer 'Hypoxia-inducible factor 1-alpha inhibitor'
2 non-polymer 'ZINC ION'
3 non-polymer 2-(6-morpholin-4-ylpyrimidin-4-yl)-4-(1,2,3-triazol-1-yl)-1~{H}-pyrazol-3-one
4 non-polymer 'SULFATE ION'
5 non-polymer GLYCEROL
6 water water
#
_entity_poly.entity_id   1
_entity_poly.type   'polypeptide(L)'
_entity_poly.pdbx_seq_one_letter_code
;SMAATAAEAVASGSGEPREEAGALGPAWDESQLRSYSFPTRPIPRLSQSDPRAEELIENEEPVVLTDTNLVYPALKWDLE
YLQENIGNGDFSVYSASTHKFLYYDEKKMANFQNFKPRSNREEMKFHEFVEKLQDIQQRGGEERLYLQQTLNDTVGRKIV
MDFLGFNWNWINKQQGKRGWGQLTSNLLLIGMEGNVTPAHYDEQQNFFAQIKGYKRCILFPPDQFECLYPYPVHHPCDRQ
SQVDFDNPDYERFPNFQNVVGYETVVGPGDVLYIPMYWWHHIESLLNGGITITVNFWYKGAPTPKRIEYPLKAHQKVAIM
RNIEKMLGEALGNPQEVGPLLNTMIKGRYN
;
_entity_poly.pdbx_strand_id   A
#
loop_
_chem_comp.id
_chem_comp.type
_chem_comp.name
_chem_comp.formula
A1H non-polymer 2-(6-morpholin-4-ylpyrimidin-4-yl)-4-(1,2,3-triazol-1-yl)-1~{H}-pyrazol-3-one 'C13 H14 N8 O2'
GOL non-polymer GLYCEROL 'C3 H8 O3'
SO4 non-polymer 'SULFATE ION' 'O4 S -2'
ZN non-polymer 'ZINC ION' 'Zn 2'
#
# COMPACT_ATOMS: atom_id res chain seq x y z
N GLU A 16 7.34 -0.33 -21.13
CA GLU A 16 6.82 0.43 -22.26
C GLU A 16 5.40 0.93 -21.97
N PRO A 17 5.22 2.24 -21.87
CA PRO A 17 3.88 2.77 -21.56
C PRO A 17 2.87 2.35 -22.63
N ARG A 18 1.65 2.07 -22.18
CA ARG A 18 0.58 1.66 -23.08
C ARG A 18 -0.05 2.88 -23.75
N GLU A 19 -0.57 2.67 -24.95
CA GLU A 19 -1.24 3.71 -25.70
C GLU A 19 -2.73 3.70 -25.39
N GLU A 20 -3.26 4.85 -24.96
CA GLU A 20 -4.68 4.98 -24.70
C GLU A 20 -5.47 4.90 -26.01
N ALA A 21 -6.68 4.36 -25.92
CA ALA A 21 -7.49 4.13 -27.10
C ALA A 21 -7.90 5.46 -27.74
N GLY A 22 -8.36 5.38 -28.98
CA GLY A 22 -8.68 6.57 -29.74
C GLY A 22 -7.50 7.43 -30.05
N ALA A 23 -6.29 6.86 -30.09
CA ALA A 23 -5.09 7.58 -30.48
C ALA A 23 -4.85 8.78 -29.58
N LEU A 24 -5.27 8.70 -28.33
CA LEU A 24 -5.17 9.81 -27.39
C LEU A 24 -3.76 9.98 -26.84
N GLY A 25 -2.79 9.20 -27.31
CA GLY A 25 -1.41 9.37 -26.95
C GLY A 25 -1.00 8.47 -25.80
N PRO A 26 0.28 8.56 -25.42
CA PRO A 26 0.78 7.71 -24.34
C PRO A 26 0.12 8.06 -23.02
N ALA A 27 -0.31 7.03 -22.29
CA ALA A 27 -0.91 7.25 -20.98
C ALA A 27 0.05 8.00 -20.06
N TRP A 28 1.34 7.69 -20.17
CA TRP A 28 2.38 8.29 -19.33
C TRP A 28 3.71 8.03 -20.02
N ASP A 29 4.77 8.67 -19.50
CA ASP A 29 6.10 8.42 -20.02
C ASP A 29 7.09 8.32 -18.86
N GLU A 30 8.26 7.75 -19.16
CA GLU A 30 9.22 7.40 -18.12
C GLU A 30 9.63 8.60 -17.27
N SER A 31 9.61 9.81 -17.85
CA SER A 31 10.03 10.99 -17.11
C SER A 31 9.15 11.27 -15.90
N GLN A 32 7.98 10.64 -15.81
CA GLN A 32 7.09 10.82 -14.67
C GLN A 32 7.40 9.85 -13.53
N LEU A 33 8.29 8.89 -13.74
CA LEU A 33 8.69 7.94 -12.71
C LEU A 33 9.90 8.47 -11.96
N ARG A 34 9.88 8.34 -10.64
CA ARG A 34 11.09 8.60 -9.87
C ARG A 34 12.13 7.52 -10.19
N SER A 35 13.39 7.84 -9.92
CA SER A 35 14.50 6.93 -10.20
C SER A 35 15.06 6.39 -8.90
N TYR A 36 15.33 5.09 -8.88
CA TYR A 36 15.81 4.39 -7.70
C TYR A 36 17.01 3.54 -8.08
N SER A 37 17.65 2.96 -7.05
CA SER A 37 18.95 2.32 -7.22
C SER A 37 18.87 0.85 -7.61
N PHE A 38 17.68 0.28 -7.69
CA PHE A 38 17.56 -1.17 -7.80
C PHE A 38 16.89 -1.57 -9.11
N PRO A 39 17.18 -2.76 -9.61
CA PRO A 39 16.47 -3.26 -10.80
C PRO A 39 15.08 -3.76 -10.44
N THR A 40 14.23 -3.80 -11.47
CA THR A 40 12.88 -4.34 -11.34
C THR A 40 12.56 -5.14 -12.59
N ARG A 41 11.48 -5.91 -12.51
CA ARG A 41 10.93 -6.54 -13.70
C ARG A 41 9.41 -6.50 -13.63
N PRO A 42 8.73 -6.64 -14.77
CA PRO A 42 7.32 -6.26 -14.83
C PRO A 42 6.41 -7.25 -14.12
N ILE A 43 5.41 -6.72 -13.43
CA ILE A 43 4.27 -7.54 -13.00
C ILE A 43 3.42 -7.84 -14.22
N PRO A 44 2.90 -9.06 -14.38
CA PRO A 44 2.12 -9.37 -15.59
C PRO A 44 0.77 -8.65 -15.60
N ARG A 45 0.37 -8.19 -16.79
CA ARG A 45 -0.96 -7.63 -17.03
C ARG A 45 -1.76 -8.69 -17.78
N LEU A 46 -2.79 -9.23 -17.12
CA LEU A 46 -3.55 -10.34 -17.68
C LEU A 46 -5.05 -10.06 -17.60
N SER A 47 -5.81 -10.84 -18.36
CA SER A 47 -7.26 -10.82 -18.25
C SER A 47 -7.71 -11.71 -17.10
N GLN A 48 -8.76 -11.28 -16.40
CA GLN A 48 -9.26 -12.06 -15.29
C GLN A 48 -9.70 -13.46 -15.72
N SER A 49 -10.01 -13.65 -17.01
CA SER A 49 -10.37 -14.95 -17.54
C SER A 49 -9.15 -15.80 -17.87
N ASP A 50 -7.95 -15.25 -17.77
CA ASP A 50 -6.74 -15.97 -18.11
C ASP A 50 -6.37 -16.92 -16.98
N PRO A 51 -6.25 -18.23 -17.24
CA PRO A 51 -5.84 -19.14 -16.15
C PRO A 51 -4.55 -18.75 -15.48
N ARG A 52 -3.59 -18.20 -16.23
CA ARG A 52 -2.34 -17.76 -15.63
C ARG A 52 -2.59 -16.80 -14.48
N ALA A 53 -3.62 -15.97 -14.60
CA ALA A 53 -3.91 -14.98 -13.56
C ALA A 53 -4.40 -15.66 -12.29
N GLU A 54 -5.24 -16.70 -12.42
CA GLU A 54 -5.68 -17.46 -11.26
C GLU A 54 -4.51 -18.20 -10.63
N GLU A 55 -3.59 -18.72 -11.45
CA GLU A 55 -2.43 -19.42 -10.93
C GLU A 55 -1.55 -18.49 -10.11
N LEU A 56 -1.37 -17.26 -10.55
CA LEU A 56 -0.59 -16.29 -9.79
C LEU A 56 -1.24 -15.97 -8.46
N ILE A 57 -2.53 -15.63 -8.48
CA ILE A 57 -3.23 -15.29 -7.24
C ILE A 57 -3.16 -16.46 -6.27
N GLU A 58 -3.44 -17.67 -6.77
CA GLU A 58 -3.47 -18.85 -5.91
C GLU A 58 -2.09 -19.09 -5.29
N ASN A 59 -1.03 -18.85 -6.06
CA ASN A 59 0.33 -18.95 -5.55
C ASN A 59 0.80 -17.67 -4.88
N GLU A 60 -0.11 -16.74 -4.60
CA GLU A 60 0.21 -15.53 -3.85
C GLU A 60 1.36 -14.77 -4.48
N GLU A 61 1.27 -14.58 -5.79
CA GLU A 61 2.16 -13.69 -6.53
C GLU A 61 1.35 -12.56 -7.15
N PRO A 62 1.93 -11.37 -7.27
CA PRO A 62 1.16 -10.23 -7.78
C PRO A 62 0.78 -10.41 -9.24
N VAL A 63 -0.33 -9.79 -9.61
CA VAL A 63 -0.81 -9.78 -10.98
C VAL A 63 -1.68 -8.55 -11.16
N VAL A 64 -1.62 -7.94 -12.34
CA VAL A 64 -2.50 -6.84 -12.70
C VAL A 64 -3.60 -7.41 -13.60
N LEU A 65 -4.85 -7.29 -13.15
CA LEU A 65 -6.00 -7.70 -13.93
C LEU A 65 -6.56 -6.47 -14.64
N THR A 66 -6.80 -6.59 -15.94
CA THR A 66 -7.14 -5.44 -16.76
C THR A 66 -8.64 -5.28 -16.99
N ASP A 67 -9.45 -6.29 -16.70
CA ASP A 67 -10.83 -6.31 -17.17
C ASP A 67 -11.77 -6.92 -16.14
N THR A 68 -11.58 -6.58 -14.86
CA THR A 68 -12.50 -7.08 -13.84
C THR A 68 -13.78 -6.27 -13.75
N ASN A 69 -13.76 -5.01 -14.19
CA ASN A 69 -14.87 -4.09 -13.95
C ASN A 69 -15.16 -3.99 -12.46
N LEU A 70 -14.14 -4.24 -11.63
CA LEU A 70 -14.34 -4.27 -10.19
C LEU A 70 -14.97 -2.97 -9.68
N VAL A 71 -14.48 -1.83 -10.17
CA VAL A 71 -15.03 -0.53 -9.76
C VAL A 71 -15.49 0.25 -10.99
N TYR A 72 -16.11 -0.43 -11.95
CA TYR A 72 -16.60 0.26 -13.14
C TYR A 72 -17.40 1.52 -12.82
N PRO A 73 -18.41 1.49 -11.94
CA PRO A 73 -19.20 2.71 -11.71
C PRO A 73 -18.40 3.86 -11.14
N ALA A 74 -17.25 3.60 -10.53
CA ALA A 74 -16.43 4.64 -9.93
C ALA A 74 -15.48 5.30 -10.91
N LEU A 75 -15.42 4.81 -12.15
CA LEU A 75 -14.47 5.36 -13.11
C LEU A 75 -14.83 6.79 -13.52
N LYS A 76 -16.10 7.18 -13.37
CA LYS A 76 -16.51 8.57 -13.60
C LYS A 76 -16.18 9.47 -12.42
N TRP A 77 -15.60 8.95 -11.35
CA TRP A 77 -15.31 9.77 -10.18
C TRP A 77 -14.23 10.79 -10.47
N ASP A 78 -14.50 12.04 -10.12
CA ASP A 78 -13.48 13.06 -9.98
C ASP A 78 -13.85 13.86 -8.73
N LEU A 79 -13.20 15.02 -8.55
CA LEU A 79 -13.44 15.79 -7.33
C LEU A 79 -14.83 16.40 -7.33
N GLU A 80 -15.21 17.08 -8.41
CA GLU A 80 -16.53 17.72 -8.44
C GLU A 80 -17.64 16.69 -8.25
N TYR A 81 -17.51 15.52 -8.89
CA TYR A 81 -18.53 14.49 -8.73
C TYR A 81 -18.60 14.01 -7.29
N LEU A 82 -17.44 13.80 -6.65
CA LEU A 82 -17.44 13.30 -5.28
C LEU A 82 -17.93 14.37 -4.31
N GLN A 83 -17.58 15.63 -4.56
CA GLN A 83 -18.08 16.72 -3.73
C GLN A 83 -19.60 16.80 -3.81
N GLU A 84 -20.14 16.80 -5.03
CA GLU A 84 -21.59 16.89 -5.21
C GLU A 84 -22.33 15.74 -4.54
N ASN A 85 -21.68 14.60 -4.32
CA ASN A 85 -22.40 13.37 -3.97
C ASN A 85 -21.86 12.59 -2.78
N ILE A 86 -20.68 12.90 -2.25
CA ILE A 86 -20.12 12.01 -1.21
C ILE A 86 -20.67 12.29 0.17
N GLY A 87 -21.31 13.43 0.38
CA GLY A 87 -21.97 13.71 1.64
C GLY A 87 -21.23 14.77 2.45
N ASN A 88 -21.96 15.34 3.42
CA ASN A 88 -21.44 16.41 4.26
C ASN A 88 -20.79 15.89 5.55
N GLY A 89 -20.26 14.67 5.53
CA GLY A 89 -19.53 14.13 6.66
C GLY A 89 -18.04 14.45 6.60
N ASP A 90 -17.29 13.78 7.46
CA ASP A 90 -15.89 14.10 7.71
C ASP A 90 -14.98 13.01 7.15
N PHE A 91 -13.87 13.44 6.51
CA PHE A 91 -12.89 12.56 5.92
C PHE A 91 -11.51 12.87 6.46
N SER A 92 -10.73 11.81 6.71
CA SER A 92 -9.37 11.97 7.22
C SER A 92 -8.43 12.42 6.10
N VAL A 93 -7.67 13.48 6.37
CA VAL A 93 -6.71 14.02 5.40
C VAL A 93 -5.34 14.03 6.04
N TYR A 94 -4.42 13.27 5.45
CA TYR A 94 -3.04 13.21 5.91
C TYR A 94 -2.19 14.24 5.17
N SER A 95 -1.24 14.84 5.89
CA SER A 95 -0.44 15.92 5.34
C SER A 95 1.04 15.65 5.58
N ALA A 96 1.87 16.10 4.63
CA ALA A 96 3.31 16.04 4.76
C ALA A 96 3.91 17.17 3.95
N SER A 97 5.08 17.65 4.39
CA SER A 97 5.78 18.70 3.68
C SER A 97 6.50 18.19 2.44
N THR A 98 6.82 16.90 2.41
CA THR A 98 7.55 16.27 1.32
C THR A 98 6.62 15.36 0.54
N HIS A 99 7.19 14.67 -0.46
CA HIS A 99 6.43 13.70 -1.22
C HIS A 99 6.23 12.41 -0.44
N LYS A 100 7.17 12.06 0.42
CA LYS A 100 7.08 10.84 1.21
C LYS A 100 6.10 11.05 2.37
N PHE A 101 5.06 10.21 2.42
CA PHE A 101 4.07 10.26 3.48
C PHE A 101 4.45 9.25 4.56
N LEU A 102 4.79 9.76 5.74
CA LEU A 102 5.27 8.93 6.84
C LEU A 102 4.08 8.50 7.69
N TYR A 103 3.57 7.29 7.42
CA TYR A 103 2.47 6.75 8.20
CA TYR A 103 2.47 6.75 8.20
C TYR A 103 3.01 6.15 9.49
N TYR A 104 2.26 6.33 10.58
CA TYR A 104 2.69 5.83 11.87
C TYR A 104 1.49 5.37 12.69
N ASP A 105 1.80 4.53 13.67
CA ASP A 105 0.80 3.97 14.59
C ASP A 105 0.81 4.80 15.86
N GLU A 106 -0.24 5.59 16.07
CA GLU A 106 -0.30 6.43 17.26
C GLU A 106 -0.24 5.60 18.53
N LYS A 107 -0.80 4.40 18.52
CA LYS A 107 -0.83 3.56 19.71
C LYS A 107 0.58 3.18 20.19
N LYS A 108 1.56 3.15 19.28
CA LYS A 108 2.91 2.73 19.61
C LYS A 108 3.85 3.89 19.93
N MET A 109 3.35 5.12 19.98
CA MET A 109 4.23 6.27 20.17
C MET A 109 4.88 6.28 21.55
N ALA A 110 4.19 5.78 22.58
CA ALA A 110 4.76 5.79 23.92
C ALA A 110 6.10 5.07 23.96
N ASN A 111 6.20 3.91 23.31
CA ASN A 111 7.42 3.13 23.36
C ASN A 111 8.63 3.91 22.84
N PHE A 112 8.42 4.88 21.96
CA PHE A 112 9.50 5.61 21.30
C PHE A 112 9.20 7.12 21.41
N GLN A 113 9.57 7.72 22.53
CA GLN A 113 9.35 9.15 22.73
C GLN A 113 10.26 10.01 21.86
N ASN A 114 11.34 9.44 21.33
CA ASN A 114 12.22 10.14 20.40
C ASN A 114 11.72 10.05 18.96
N PHE A 115 10.46 9.67 18.76
CA PHE A 115 9.87 9.62 17.43
C PHE A 115 9.14 10.93 17.15
N LYS A 116 9.47 11.56 16.03
CA LYS A 116 8.84 12.81 15.62
C LYS A 116 7.92 12.54 14.44
N PRO A 117 6.59 12.67 14.59
CA PRO A 117 5.71 12.50 13.43
C PRO A 117 6.02 13.51 12.34
N ARG A 118 6.28 13.00 11.13
CA ARG A 118 6.58 13.84 9.98
C ARG A 118 5.38 14.03 9.07
N SER A 119 4.19 13.59 9.47
CA SER A 119 3.01 13.73 8.64
C SER A 119 1.78 13.72 9.54
N ASN A 120 1.25 14.91 9.82
CA ASN A 120 0.09 15.05 10.69
C ASN A 120 -1.20 14.79 9.91
N ARG A 121 -2.28 14.52 10.65
CA ARG A 121 -3.57 14.14 10.10
C ARG A 121 -4.65 15.10 10.60
N GLU A 122 -5.58 15.45 9.72
CA GLU A 122 -6.66 16.38 10.06
C GLU A 122 -7.96 15.91 9.43
N GLU A 123 -9.03 15.95 10.21
CA GLU A 123 -10.38 15.65 9.73
C GLU A 123 -11.03 16.91 9.19
N MET A 124 -11.85 16.74 8.15
CA MET A 124 -12.51 17.89 7.52
C MET A 124 -13.61 17.38 6.60
N LYS A 125 -14.47 18.31 6.18
CA LYS A 125 -15.49 18.02 5.18
C LYS A 125 -14.86 18.00 3.80
N PHE A 126 -15.42 17.17 2.92
CA PHE A 126 -14.81 16.92 1.61
C PHE A 126 -14.51 18.23 0.89
N HIS A 127 -15.46 19.17 0.90
CA HIS A 127 -15.28 20.40 0.15
C HIS A 127 -14.07 21.19 0.64
N GLU A 128 -13.71 21.03 1.92
CA GLU A 128 -12.52 21.69 2.44
C GLU A 128 -11.25 21.07 1.86
N PHE A 129 -11.22 19.74 1.77
CA PHE A 129 -10.09 19.08 1.12
C PHE A 129 -9.92 19.54 -0.31
N VAL A 130 -11.03 19.68 -1.05
CA VAL A 130 -10.96 20.13 -2.44
C VAL A 130 -10.38 21.53 -2.52
N GLU A 131 -10.77 22.40 -1.58
CA GLU A 131 -10.29 23.78 -1.59
C GLU A 131 -8.86 23.89 -1.06
N LYS A 132 -8.53 23.11 -0.03
CA LYS A 132 -7.14 23.08 0.43
C LYS A 132 -6.24 22.52 -0.65
N LEU A 133 -6.70 21.48 -1.35
CA LEU A 133 -5.97 20.96 -2.51
C LEU A 133 -5.85 22.03 -3.59
N GLN A 134 -6.99 22.64 -3.97
CA GLN A 134 -6.96 23.67 -5.00
C GLN A 134 -6.08 24.84 -4.59
N ASP A 135 -6.06 25.15 -3.29
CA ASP A 135 -5.30 26.29 -2.79
C ASP A 135 -3.80 26.09 -3.01
N ILE A 136 -3.28 24.93 -2.58
CA ILE A 136 -1.87 24.60 -2.81
C ILE A 136 -1.53 24.71 -4.29
N GLN A 137 -2.47 24.32 -5.16
CA GLN A 137 -2.26 24.48 -6.60
C GLN A 137 -2.02 25.94 -6.96
N GLN A 138 -2.99 26.80 -6.68
CA GLN A 138 -2.85 28.22 -7.00
C GLN A 138 -1.64 28.84 -6.32
N ARG A 139 -1.14 28.22 -5.26
CA ARG A 139 0.08 28.66 -4.59
C ARG A 139 1.28 27.87 -5.12
N GLY A 140 2.43 28.05 -4.47
CA GLY A 140 3.52 27.12 -4.62
C GLY A 140 3.31 25.97 -3.65
N GLY A 141 3.44 24.75 -4.15
CA GLY A 141 2.97 23.59 -3.41
C GLY A 141 3.99 22.52 -3.08
N GLU A 142 4.93 22.84 -2.18
CA GLU A 142 5.76 21.78 -1.60
C GLU A 142 4.92 20.83 -0.78
N GLU A 143 3.95 21.37 -0.03
CA GLU A 143 3.06 20.54 0.78
C GLU A 143 2.17 19.69 -0.11
N ARG A 144 1.97 18.44 0.30
CA ARG A 144 1.11 17.50 -0.40
C ARG A 144 0.11 16.90 0.57
N LEU A 145 -0.98 16.34 0.01
CA LEU A 145 -2.09 15.84 0.80
C LEU A 145 -2.52 14.47 0.31
N TYR A 146 -3.19 13.74 1.21
CA TYR A 146 -3.69 12.41 0.90
C TYR A 146 -4.99 12.20 1.66
N LEU A 147 -6.10 12.01 0.94
CA LEU A 147 -7.37 11.66 1.56
C LEU A 147 -7.47 10.15 1.62
N GLN A 148 -7.69 9.61 2.82
CA GLN A 148 -7.69 8.17 3.07
C GLN A 148 -8.84 7.83 4.01
N GLN A 149 -10.03 7.56 3.45
CA GLN A 149 -11.19 7.31 4.27
C GLN A 149 -11.90 6.03 3.87
N THR A 150 -12.37 5.30 4.89
CA THR A 150 -13.09 4.05 4.68
C THR A 150 -14.40 4.29 3.93
N LEU A 151 -14.66 3.46 2.93
CA LEU A 151 -15.82 3.55 2.07
C LEU A 151 -17.03 2.90 2.71
N ASN A 152 -18.21 3.18 2.15
CA ASN A 152 -19.49 2.61 2.59
C ASN A 152 -19.86 3.02 4.01
N ASP A 153 -19.42 4.19 4.47
CA ASP A 153 -19.79 4.69 5.79
C ASP A 153 -20.16 6.17 5.68
N THR A 154 -21.40 6.50 6.01
CA THR A 154 -21.87 7.88 6.06
C THR A 154 -21.65 8.58 4.72
N VAL A 155 -22.00 7.88 3.64
CA VAL A 155 -21.72 8.36 2.29
C VAL A 155 -23.03 8.68 1.58
N GLY A 156 -22.97 9.67 0.69
CA GLY A 156 -24.11 10.09 -0.10
C GLY A 156 -24.75 8.97 -0.89
N ARG A 157 -26.07 9.07 -1.07
CA ARG A 157 -26.83 8.02 -1.74
C ARG A 157 -26.25 7.69 -3.12
N LYS A 158 -25.81 8.72 -3.85
CA LYS A 158 -25.26 8.48 -5.18
C LYS A 158 -24.00 7.61 -5.11
N ILE A 159 -23.11 7.89 -4.17
CA ILE A 159 -21.93 7.06 -4.03
C ILE A 159 -22.32 5.65 -3.59
N VAL A 160 -23.29 5.53 -2.69
CA VAL A 160 -23.71 4.20 -2.25
C VAL A 160 -24.17 3.39 -3.47
N MET A 161 -24.84 4.04 -4.41
CA MET A 161 -25.22 3.37 -5.67
C MET A 161 -23.98 2.88 -6.41
N ASP A 162 -23.04 3.78 -6.71
CA ASP A 162 -21.80 3.38 -7.36
C ASP A 162 -21.15 2.22 -6.61
N PHE A 163 -21.03 2.38 -5.29
CA PHE A 163 -20.44 1.34 -4.45
C PHE A 163 -21.12 0.00 -4.65
N LEU A 164 -22.45 -0.03 -4.55
CA LEU A 164 -23.18 -1.27 -4.76
C LEU A 164 -22.94 -1.85 -6.15
N GLY A 165 -22.57 -1.01 -7.11
CA GLY A 165 -22.31 -1.46 -8.46
C GLY A 165 -20.91 -1.98 -8.73
N PHE A 166 -20.05 -2.08 -7.72
CA PHE A 166 -18.79 -2.78 -7.91
C PHE A 166 -19.05 -4.23 -8.26
N ASN A 167 -18.04 -4.89 -8.83
CA ASN A 167 -18.22 -6.28 -9.25
C ASN A 167 -18.00 -7.21 -8.06
N TRP A 168 -19.01 -7.22 -7.19
CA TRP A 168 -18.97 -8.08 -6.01
C TRP A 168 -19.01 -9.55 -6.38
N ASN A 169 -19.64 -9.89 -7.50
CA ASN A 169 -19.62 -11.27 -7.97
C ASN A 169 -18.20 -11.77 -8.12
N TRP A 170 -17.37 -11.02 -8.87
CA TRP A 170 -16.01 -11.49 -9.14
C TRP A 170 -15.18 -11.58 -7.86
N ILE A 171 -15.19 -10.51 -7.05
CA ILE A 171 -14.30 -10.48 -5.90
C ILE A 171 -14.78 -11.42 -4.81
N ASN A 172 -16.10 -11.56 -4.64
CA ASN A 172 -16.61 -12.56 -3.70
C ASN A 172 -16.15 -13.96 -4.10
N LYS A 173 -16.17 -14.26 -5.40
CA LYS A 173 -15.67 -15.56 -5.86
C LYS A 173 -14.19 -15.73 -5.53
N GLN A 174 -13.38 -14.68 -5.73
CA GLN A 174 -11.98 -14.75 -5.36
C GLN A 174 -11.83 -15.04 -3.88
N GLN A 175 -12.49 -14.25 -3.04
CA GLN A 175 -12.51 -14.50 -1.59
C GLN A 175 -12.80 -15.96 -1.29
N GLY A 176 -13.74 -16.56 -2.02
CA GLY A 176 -14.10 -17.94 -1.75
C GLY A 176 -13.05 -18.93 -2.23
N LYS A 177 -12.59 -18.77 -3.47
CA LYS A 177 -11.58 -19.68 -4.01
C LYS A 177 -10.34 -19.71 -3.14
N ARG A 178 -9.81 -18.55 -2.78
CA ARG A 178 -8.58 -18.47 -2.01
C ARG A 178 -8.78 -18.79 -0.54
N GLY A 179 -10.00 -19.09 -0.11
CA GLY A 179 -10.25 -19.41 1.27
C GLY A 179 -9.98 -18.26 2.22
N TRP A 180 -9.92 -17.04 1.71
CA TRP A 180 -9.63 -15.88 2.52
C TRP A 180 -10.69 -15.70 3.60
N GLY A 181 -10.37 -14.85 4.58
CA GLY A 181 -11.32 -14.42 5.57
C GLY A 181 -12.21 -13.31 5.04
N GLN A 182 -12.69 -12.48 5.96
CA GLN A 182 -13.67 -11.47 5.61
C GLN A 182 -13.01 -10.27 4.95
N LEU A 183 -13.80 -9.56 4.14
CA LEU A 183 -13.43 -8.21 3.74
C LEU A 183 -13.35 -7.35 4.99
N THR A 184 -12.14 -6.92 5.36
CA THR A 184 -11.97 -6.12 6.56
C THR A 184 -12.20 -4.64 6.30
N SER A 185 -11.82 -4.14 5.13
CA SER A 185 -11.89 -2.72 4.91
C SER A 185 -11.93 -2.39 3.42
N ASN A 186 -12.71 -1.36 3.11
CA ASN A 186 -12.71 -0.68 1.82
C ASN A 186 -12.13 0.70 2.07
N LEU A 187 -11.15 1.09 1.29
CA LEU A 187 -10.48 2.37 1.53
C LEU A 187 -10.44 3.18 0.26
N LEU A 188 -10.93 4.41 0.34
CA LEU A 188 -10.83 5.38 -0.74
C LEU A 188 -9.59 6.23 -0.54
N LEU A 189 -8.72 6.27 -1.55
CA LEU A 189 -7.53 7.11 -1.53
C LEU A 189 -7.63 8.14 -2.64
N ILE A 190 -7.47 9.41 -2.28
CA ILE A 190 -7.31 10.50 -3.24
C ILE A 190 -5.99 11.18 -2.91
N GLY A 191 -5.10 11.24 -3.89
CA GLY A 191 -3.77 11.77 -3.68
C GLY A 191 -3.38 12.77 -4.76
N MET A 192 -2.36 13.54 -4.44
CA MET A 192 -1.81 14.51 -5.37
C MET A 192 -0.63 13.91 -6.13
N GLU A 193 -0.38 14.48 -7.31
CA GLU A 193 0.75 14.05 -8.12
C GLU A 193 2.02 14.01 -7.29
N GLY A 194 2.87 13.00 -7.56
CA GLY A 194 4.12 12.86 -6.87
C GLY A 194 4.02 12.27 -5.48
N ASN A 195 2.81 12.11 -4.93
CA ASN A 195 2.67 11.49 -3.63
C ASN A 195 3.34 10.12 -3.61
N VAL A 196 4.06 9.85 -2.53
CA VAL A 196 4.76 8.58 -2.35
C VAL A 196 4.31 7.96 -1.04
N THR A 197 3.94 6.68 -1.09
CA THR A 197 3.75 5.88 0.11
C THR A 197 4.94 4.93 0.21
N PRO A 198 5.87 5.12 1.15
CA PRO A 198 7.12 4.34 1.12
C PRO A 198 6.88 2.86 1.37
N ALA A 199 7.91 2.09 1.08
CA ALA A 199 7.82 0.63 1.11
C ALA A 199 7.40 0.14 2.50
N HIS A 200 6.40 -0.74 2.51
CA HIS A 200 5.93 -1.39 3.72
C HIS A 200 5.25 -2.68 3.28
N TYR A 201 4.96 -3.55 4.23
CA TYR A 201 4.17 -4.74 3.96
C TYR A 201 2.95 -4.75 4.87
N ASP A 202 1.90 -5.41 4.39
CA ASP A 202 0.66 -5.54 5.14
C ASP A 202 0.42 -7.02 5.43
N GLU A 203 -0.34 -7.29 6.49
CA GLU A 203 -0.64 -8.65 6.88
C GLU A 203 -1.89 -9.20 6.21
N GLN A 204 -2.58 -8.40 5.41
CA GLN A 204 -3.82 -8.80 4.76
C GLN A 204 -3.64 -8.84 3.24
N GLN A 205 -4.50 -9.61 2.59
CA GLN A 205 -4.56 -9.63 1.13
C GLN A 205 -5.19 -8.35 0.63
N ASN A 206 -4.77 -7.90 -0.55
CA ASN A 206 -5.22 -6.60 -1.07
C ASN A 206 -5.46 -6.68 -2.57
N PHE A 207 -6.69 -6.40 -2.98
CA PHE A 207 -6.98 -6.04 -4.36
C PHE A 207 -7.01 -4.52 -4.46
N PHE A 208 -6.15 -4.00 -5.33
CA PHE A 208 -5.86 -2.58 -5.44
C PHE A 208 -6.51 -2.07 -6.72
N ALA A 209 -7.64 -1.39 -6.59
CA ALA A 209 -8.47 -1.02 -7.73
C ALA A 209 -8.23 0.45 -8.10
N GLN A 210 -7.56 0.67 -9.23
CA GLN A 210 -7.24 2.01 -9.68
C GLN A 210 -8.41 2.64 -10.45
N ILE A 211 -8.64 3.93 -10.21
CA ILE A 211 -9.82 4.62 -10.72
C ILE A 211 -9.45 5.82 -11.57
N LYS A 212 -8.67 6.74 -11.01
CA LYS A 212 -8.28 7.96 -11.70
C LYS A 212 -6.77 8.15 -11.57
N GLY A 213 -6.13 8.51 -12.67
CA GLY A 213 -4.70 8.73 -12.68
C GLY A 213 -3.93 7.43 -12.63
N TYR A 214 -2.60 7.58 -12.49
CA TYR A 214 -1.69 6.46 -12.60
C TYR A 214 -0.80 6.37 -11.37
N LYS A 215 -0.63 5.15 -10.89
CA LYS A 215 0.23 4.86 -9.76
C LYS A 215 1.26 3.81 -10.15
N ARG A 216 2.53 4.12 -9.93
CA ARG A 216 3.59 3.16 -10.10
C ARG A 216 3.74 2.35 -8.82
N CYS A 217 3.57 1.03 -8.92
CA CYS A 217 3.64 0.14 -7.78
C CYS A 217 4.89 -0.73 -7.91
N ILE A 218 5.74 -0.70 -6.89
CA ILE A 218 6.95 -1.53 -6.84
C ILE A 218 6.79 -2.50 -5.67
N LEU A 219 6.77 -3.80 -5.98
CA LEU A 219 6.58 -4.84 -4.98
C LEU A 219 7.86 -5.66 -4.80
N PHE A 220 8.10 -6.12 -3.57
CA PHE A 220 9.19 -7.02 -3.26
C PHE A 220 8.66 -8.23 -2.51
N PRO A 221 9.08 -9.45 -2.86
CA PRO A 221 8.56 -10.64 -2.18
C PRO A 221 8.94 -10.65 -0.71
N PRO A 222 8.27 -11.47 0.10
CA PRO A 222 8.62 -11.54 1.53
C PRO A 222 10.04 -11.98 1.80
N ASP A 223 10.65 -12.75 0.88
CA ASP A 223 12.01 -13.25 1.14
C ASP A 223 13.07 -12.18 1.01
N GLN A 224 12.69 -10.95 0.66
CA GLN A 224 13.62 -9.82 0.65
C GLN A 224 13.52 -9.01 1.94
N PHE A 225 12.95 -9.61 2.99
CA PHE A 225 13.03 -9.05 4.34
C PHE A 225 14.44 -8.58 4.65
N GLU A 226 15.43 -9.45 4.42
CA GLU A 226 16.81 -9.13 4.77
C GLU A 226 17.29 -7.84 4.12
N CYS A 227 16.76 -7.53 2.93
CA CYS A 227 17.23 -6.37 2.17
C CYS A 227 16.49 -5.08 2.51
N LEU A 228 15.37 -5.15 3.23
CA LEU A 228 14.50 -4.00 3.37
C LEU A 228 14.40 -3.46 4.80
N TYR A 229 14.93 -4.17 5.78
CA TYR A 229 15.17 -3.62 7.12
C TYR A 229 13.95 -2.94 7.73
N PRO A 230 12.87 -3.67 7.99
CA PRO A 230 11.72 -3.06 8.66
C PRO A 230 12.09 -2.50 10.02
N TYR A 231 11.29 -1.56 10.52
CA TYR A 231 11.49 -1.05 11.86
C TYR A 231 11.22 -2.16 12.90
N PRO A 232 11.71 -1.98 14.13
CA PRO A 232 11.28 -2.86 15.21
C PRO A 232 9.76 -2.96 15.27
N VAL A 233 9.26 -4.14 15.62
CA VAL A 233 7.82 -4.37 15.66
C VAL A 233 7.13 -3.33 16.54
N HIS A 234 7.78 -2.94 17.65
CA HIS A 234 7.17 -2.04 18.62
C HIS A 234 7.26 -0.58 18.23
N HIS A 235 7.98 -0.26 17.14
CA HIS A 235 8.13 1.11 16.67
C HIS A 235 6.85 1.55 15.94
N PRO A 236 6.51 2.84 16.01
CA PRO A 236 5.32 3.32 15.28
C PRO A 236 5.34 3.01 13.79
N CYS A 237 6.52 2.90 13.18
CA CYS A 237 6.64 2.61 11.77
C CYS A 237 6.80 1.12 11.50
N ASP A 238 6.32 0.28 12.41
CA ASP A 238 6.28 -1.15 12.22
C ASP A 238 5.77 -1.51 10.84
N ARG A 239 6.45 -2.45 10.19
CA ARG A 239 6.16 -2.99 8.86
C ARG A 239 6.67 -2.07 7.75
N GLN A 240 7.17 -0.87 8.08
CA GLN A 240 7.75 0.01 7.08
C GLN A 240 9.24 -0.20 6.98
N SER A 241 9.75 -0.05 5.76
CA SER A 241 11.20 -0.14 5.53
C SER A 241 11.90 1.08 6.12
N GLN A 242 13.06 0.84 6.75
CA GLN A 242 13.87 1.92 7.28
C GLN A 242 14.68 2.62 6.20
N VAL A 243 14.77 2.04 5.01
CA VAL A 243 15.64 2.56 3.97
C VAL A 243 14.97 3.74 3.29
N ASP A 244 15.71 4.82 3.12
CA ASP A 244 15.27 5.97 2.32
C ASP A 244 15.59 5.64 0.87
N PHE A 245 14.57 5.22 0.11
CA PHE A 245 14.78 4.86 -1.29
C PHE A 245 15.45 5.99 -2.06
N ASP A 246 15.26 7.23 -1.63
CA ASP A 246 15.85 8.37 -2.33
C ASP A 246 17.32 8.57 -1.97
N ASN A 247 17.77 8.06 -0.83
CA ASN A 247 19.16 8.19 -0.40
C ASN A 247 19.50 6.99 0.48
N PRO A 248 19.70 5.82 -0.14
CA PRO A 248 19.91 4.60 0.66
C PRO A 248 21.24 4.63 1.40
N ASP A 249 21.20 4.33 2.70
CA ASP A 249 22.39 4.30 3.54
C ASP A 249 22.95 2.88 3.50
N TYR A 250 23.93 2.64 2.63
CA TYR A 250 24.44 1.30 2.38
C TYR A 250 25.30 0.78 3.52
N GLU A 251 25.82 1.65 4.39
CA GLU A 251 26.56 1.17 5.55
C GLU A 251 25.63 0.57 6.58
N ARG A 252 24.49 1.22 6.82
CA ARG A 252 23.51 0.69 7.77
C ARG A 252 22.70 -0.46 7.17
N PHE A 253 22.39 -0.37 5.88
CA PHE A 253 21.47 -1.29 5.22
C PHE A 253 22.15 -1.92 4.01
N PRO A 254 23.25 -2.64 4.23
CA PRO A 254 24.06 -3.09 3.08
C PRO A 254 23.31 -3.97 2.08
N ASN A 255 22.35 -4.78 2.53
CA ASN A 255 21.68 -5.69 1.62
C ASN A 255 20.62 -5.01 0.77
N PHE A 256 20.34 -3.73 0.99
CA PHE A 256 19.51 -3.00 0.04
C PHE A 256 20.12 -2.98 -1.34
N GLN A 257 21.45 -3.15 -1.44
CA GLN A 257 22.12 -3.27 -2.72
C GLN A 257 21.78 -4.56 -3.45
N ASN A 258 21.08 -5.48 -2.79
CA ASN A 258 20.68 -6.74 -3.40
C ASN A 258 19.19 -6.82 -3.69
N VAL A 259 18.45 -5.74 -3.44
CA VAL A 259 17.00 -5.76 -3.60
C VAL A 259 16.62 -5.78 -5.07
N VAL A 260 15.57 -6.53 -5.40
CA VAL A 260 15.03 -6.59 -6.76
C VAL A 260 13.51 -6.56 -6.65
N GLY A 261 12.90 -5.60 -7.33
CA GLY A 261 11.46 -5.42 -7.23
C GLY A 261 10.67 -5.87 -8.45
N TYR A 262 9.35 -6.05 -8.25
CA TYR A 262 8.40 -6.26 -9.33
C TYR A 262 7.61 -4.97 -9.52
N GLU A 263 7.54 -4.50 -10.76
CA GLU A 263 7.10 -3.14 -11.03
C GLU A 263 5.95 -3.12 -12.02
N THR A 264 5.06 -2.15 -11.84
CA THR A 264 4.00 -1.89 -12.80
C THR A 264 3.43 -0.51 -12.56
N VAL A 265 2.76 0.00 -13.59
CA VAL A 265 1.98 1.22 -13.52
C VAL A 265 0.54 0.84 -13.82
N VAL A 266 -0.35 1.08 -12.86
CA VAL A 266 -1.77 0.77 -13.01
C VAL A 266 -2.53 2.06 -13.25
N GLY A 267 -3.51 1.99 -14.14
CA GLY A 267 -4.35 3.12 -14.46
C GLY A 267 -5.80 2.77 -14.31
N PRO A 268 -6.68 3.70 -14.69
CA PRO A 268 -8.12 3.48 -14.54
C PRO A 268 -8.55 2.13 -15.09
N GLY A 269 -9.28 1.38 -14.27
CA GLY A 269 -9.79 0.08 -14.65
C GLY A 269 -8.90 -1.09 -14.29
N ASP A 270 -7.66 -0.84 -13.88
CA ASP A 270 -6.76 -1.91 -13.51
C ASP A 270 -6.96 -2.31 -12.06
N VAL A 271 -6.70 -3.58 -11.77
CA VAL A 271 -6.71 -4.10 -10.42
C VAL A 271 -5.38 -4.81 -10.19
N LEU A 272 -4.68 -4.43 -9.13
CA LEU A 272 -3.43 -5.07 -8.76
C LEU A 272 -3.65 -5.91 -7.51
N TYR A 273 -3.24 -7.17 -7.58
CA TYR A 273 -3.24 -8.05 -6.42
C TYR A 273 -1.91 -7.90 -5.71
N ILE A 274 -1.93 -7.31 -4.51
CA ILE A 274 -0.76 -7.25 -3.64
C ILE A 274 -0.90 -8.37 -2.62
N PRO A 275 -0.15 -9.47 -2.75
CA PRO A 275 -0.33 -10.58 -1.81
C PRO A 275 0.11 -10.21 -0.41
N MET A 276 -0.57 -10.82 0.56
CA MET A 276 -0.17 -10.85 1.96
C MET A 276 1.35 -10.86 2.10
N TYR A 277 1.87 -9.90 2.86
CA TYR A 277 3.28 -9.83 3.28
C TYR A 277 4.22 -9.34 2.18
N TRP A 278 3.75 -9.04 0.98
CA TRP A 278 4.60 -8.46 -0.04
C TRP A 278 4.84 -6.98 0.24
N TRP A 279 6.11 -6.58 0.20
CA TRP A 279 6.42 -5.17 0.29
C TRP A 279 5.82 -4.45 -0.90
N HIS A 280 5.34 -3.22 -0.68
CA HIS A 280 4.91 -2.38 -1.80
C HIS A 280 5.28 -0.94 -1.57
N HIS A 281 5.82 -0.34 -2.63
CA HIS A 281 6.14 1.08 -2.71
C HIS A 281 5.28 1.65 -3.82
N ILE A 282 4.54 2.71 -3.51
CA ILE A 282 3.50 3.22 -4.39
C ILE A 282 3.67 4.72 -4.54
N GLU A 283 3.75 5.18 -5.78
CA GLU A 283 3.89 6.60 -6.06
C GLU A 283 2.94 7.02 -7.16
N SER A 284 2.26 8.14 -6.94
CA SER A 284 1.44 8.76 -7.95
C SER A 284 2.33 9.54 -8.92
N LEU A 285 2.14 9.33 -10.22
CA LEU A 285 3.10 9.82 -11.18
C LEU A 285 3.26 11.32 -11.09
N LEU A 286 4.50 11.79 -11.24
CA LEU A 286 4.78 13.21 -11.28
C LEU A 286 4.00 13.87 -12.42
N ASN A 287 3.44 15.04 -12.14
CA ASN A 287 2.71 15.80 -13.15
C ASN A 287 1.59 14.96 -13.78
N GLY A 288 1.03 14.03 -13.01
CA GLY A 288 -0.05 13.19 -13.47
C GLY A 288 -1.42 13.61 -13.00
N GLY A 289 -1.52 14.71 -12.27
CA GLY A 289 -2.78 15.09 -11.68
C GLY A 289 -3.09 14.23 -10.46
N ILE A 290 -4.35 14.30 -10.01
CA ILE A 290 -4.72 13.57 -8.82
C ILE A 290 -4.93 12.09 -9.16
N THR A 291 -4.76 11.26 -8.13
CA THR A 291 -5.02 9.83 -8.24
C THR A 291 -6.20 9.48 -7.35
N ILE A 292 -7.02 8.53 -7.80
CA ILE A 292 -8.08 7.98 -6.97
C ILE A 292 -7.94 6.46 -7.01
N THR A 293 -8.07 5.84 -5.84
CA THR A 293 -7.89 4.40 -5.70
C THR A 293 -8.83 3.88 -4.64
N VAL A 294 -9.29 2.64 -4.82
CA VAL A 294 -10.03 1.91 -3.79
C VAL A 294 -9.31 0.60 -3.53
N ASN A 295 -8.96 0.36 -2.26
CA ASN A 295 -8.37 -0.90 -1.85
C ASN A 295 -9.43 -1.79 -1.21
N PHE A 296 -9.33 -3.09 -1.46
CA PHE A 296 -10.15 -4.11 -0.81
C PHE A 296 -9.22 -4.98 0.00
N TRP A 297 -9.35 -4.95 1.33
CA TRP A 297 -8.48 -5.72 2.21
C TRP A 297 -9.23 -6.90 2.79
N TYR A 298 -8.63 -8.08 2.70
CA TYR A 298 -9.19 -9.33 3.17
C TYR A 298 -8.22 -10.00 4.13
N LYS A 299 -8.77 -10.58 5.19
CA LYS A 299 -7.96 -11.44 6.06
C LYS A 299 -7.57 -12.69 5.28
N GLY A 300 -6.29 -13.06 5.37
CA GLY A 300 -5.82 -14.24 4.68
C GLY A 300 -6.53 -15.50 5.17
N ALA A 301 -6.35 -16.57 4.39
CA ALA A 301 -6.87 -17.86 4.79
C ALA A 301 -6.14 -18.35 6.04
N PRO A 302 -6.79 -19.20 6.84
CA PRO A 302 -6.17 -19.66 8.09
C PRO A 302 -5.09 -20.70 7.84
N THR A 303 -4.15 -20.79 8.78
CA THR A 303 -3.00 -21.66 8.61
C THR A 303 -3.44 -23.13 8.62
N PRO A 304 -2.92 -23.96 7.72
CA PRO A 304 -3.37 -25.35 7.66
C PRO A 304 -3.03 -26.11 8.94
N LYS A 305 -3.86 -27.09 9.27
CA LYS A 305 -3.62 -27.91 10.46
C LYS A 305 -2.18 -28.39 10.53
N ARG A 306 -1.76 -29.19 9.55
CA ARG A 306 -0.40 -29.72 9.50
C ARG A 306 0.48 -28.70 8.79
N ILE A 307 1.41 -28.10 9.52
CA ILE A 307 2.35 -27.15 8.95
C ILE A 307 3.27 -27.90 7.99
N GLU A 308 3.18 -27.59 6.71
CA GLU A 308 4.03 -28.23 5.71
C GLU A 308 5.37 -27.51 5.64
N TYR A 309 6.45 -28.26 5.85
CA TYR A 309 7.79 -27.73 5.66
C TYR A 309 8.23 -27.98 4.22
N PRO A 310 9.06 -27.09 3.66
CA PRO A 310 9.70 -25.95 4.32
C PRO A 310 8.74 -24.76 4.45
N LEU A 311 8.98 -23.90 5.42
CA LEU A 311 8.11 -22.76 5.64
C LEU A 311 8.19 -21.79 4.46
N LYS A 312 7.06 -21.14 4.18
CA LYS A 312 7.08 -20.01 3.28
C LYS A 312 7.82 -18.85 3.93
N ALA A 313 8.34 -17.95 3.10
CA ALA A 313 9.05 -16.80 3.63
C ALA A 313 8.16 -15.99 4.56
N HIS A 314 6.88 -15.80 4.20
CA HIS A 314 6.00 -14.98 5.01
C HIS A 314 5.73 -15.62 6.38
N GLN A 315 5.87 -16.94 6.49
CA GLN A 315 5.72 -17.59 7.79
C GLN A 315 6.93 -17.32 8.68
N LYS A 316 8.12 -17.26 8.09
CA LYS A 316 9.30 -16.87 8.87
C LYS A 316 9.18 -15.42 9.35
N VAL A 317 8.61 -14.55 8.51
CA VAL A 317 8.34 -13.18 8.94
C VAL A 317 7.39 -13.18 10.13
N ALA A 318 6.34 -14.00 10.06
CA ALA A 318 5.41 -14.09 11.18
C ALA A 318 6.13 -14.55 12.45
N ILE A 319 7.04 -15.51 12.32
CA ILE A 319 7.78 -16.00 13.47
C ILE A 319 8.60 -14.87 14.08
N MET A 320 9.30 -14.09 13.24
CA MET A 320 10.12 -13.01 13.76
C MET A 320 9.26 -11.97 14.47
N ARG A 321 8.11 -11.62 13.88
CA ARG A 321 7.19 -10.71 14.55
C ARG A 321 6.79 -11.25 15.92
N ASN A 322 6.38 -12.52 15.99
CA ASN A 322 5.94 -13.09 17.26
CA ASN A 322 5.94 -13.09 17.26
C ASN A 322 7.05 -13.07 18.29
N ILE A 323 8.27 -13.44 17.89
CA ILE A 323 9.40 -13.40 18.82
C ILE A 323 9.56 -11.99 19.39
N GLU A 324 9.54 -10.97 18.53
CA GLU A 324 9.70 -9.61 19.01
C GLU A 324 8.56 -9.21 19.93
N LYS A 325 7.33 -9.51 19.54
CA LYS A 325 6.19 -9.23 20.40
C LYS A 325 6.33 -9.92 21.75
N MET A 326 6.72 -11.19 21.73
CA MET A 326 6.84 -11.96 22.97
C MET A 326 7.88 -11.35 23.90
N LEU A 327 9.07 -11.03 23.36
CA LEU A 327 10.12 -10.49 24.20
C LEU A 327 9.70 -9.18 24.84
N GLY A 328 8.99 -8.33 24.09
CA GLY A 328 8.50 -7.09 24.67
C GLY A 328 7.56 -7.33 25.85
N GLU A 329 6.67 -8.31 25.71
CA GLU A 329 5.77 -8.66 26.80
C GLU A 329 6.54 -9.24 27.98
N ALA A 330 7.46 -10.17 27.71
CA ALA A 330 8.15 -10.87 28.79
C ALA A 330 9.09 -9.92 29.54
N LEU A 331 9.85 -9.12 28.81
CA LEU A 331 10.77 -8.18 29.45
C LEU A 331 10.07 -6.99 30.07
N GLY A 332 8.76 -6.85 29.86
CA GLY A 332 8.02 -5.73 30.40
C GLY A 332 8.38 -4.41 29.80
N ASN A 333 9.08 -4.40 28.66
CA ASN A 333 9.59 -3.15 28.10
C ASN A 333 10.08 -3.38 26.68
N PRO A 334 9.42 -2.82 25.66
CA PRO A 334 9.93 -3.00 24.29
C PRO A 334 11.35 -2.50 24.09
N GLN A 335 11.78 -1.51 24.87
CA GLN A 335 13.11 -0.95 24.68
C GLN A 335 14.20 -1.99 24.91
N GLU A 336 13.91 -3.03 25.69
CA GLU A 336 14.91 -4.04 26.03
C GLU A 336 15.03 -5.14 24.98
N VAL A 337 14.15 -5.18 23.99
CA VAL A 337 14.18 -6.28 23.01
C VAL A 337 15.54 -6.33 22.32
N GLY A 338 16.02 -5.20 21.81
CA GLY A 338 17.25 -5.14 21.07
C GLY A 338 18.43 -5.63 21.88
N PRO A 339 18.66 -5.02 23.04
CA PRO A 339 19.75 -5.49 23.91
C PRO A 339 19.72 -6.99 24.16
N LEU A 340 18.55 -7.57 24.43
CA LEU A 340 18.49 -9.00 24.71
C LEU A 340 18.86 -9.81 23.47
N LEU A 341 18.31 -9.43 22.31
CA LEU A 341 18.60 -10.17 21.09
C LEU A 341 20.09 -10.18 20.80
N ASN A 342 20.76 -9.03 20.97
CA ASN A 342 22.20 -8.96 20.72
C ASN A 342 22.96 -9.84 21.70
N THR A 343 22.62 -9.76 22.99
CA THR A 343 23.17 -10.68 23.97
C THR A 343 23.04 -12.13 23.50
N MET A 344 21.90 -12.45 22.89
CA MET A 344 21.61 -13.84 22.52
C MET A 344 22.52 -14.31 21.39
N ILE A 345 22.82 -13.45 20.41
CA ILE A 345 23.54 -13.89 19.23
C ILE A 345 25.03 -13.60 19.29
N LYS A 346 25.42 -12.50 19.94
CA LYS A 346 26.81 -12.05 19.86
C LYS A 346 27.76 -13.16 20.31
N GLY A 347 28.66 -13.55 19.40
CA GLY A 347 29.61 -14.61 19.71
C GLY A 347 29.00 -15.97 19.93
N ARG A 348 27.72 -16.13 19.57
CA ARG A 348 26.99 -17.37 19.79
C ARG A 348 26.41 -17.88 18.49
N TYR A 349 25.76 -16.99 17.74
CA TYR A 349 25.13 -17.33 16.47
C TYR A 349 25.64 -16.50 15.31
N ASN A 350 26.54 -15.55 15.53
CA ASN A 350 27.09 -14.76 14.43
C ASN A 350 28.58 -15.04 14.26
ZN ZN B . 0.01 -1.31 2.39
O01 A1H C . -2.49 3.07 1.73
C02 A1H C . -2.09 2.03 1.37
C03 A1H C . -1.77 1.65 0.02
N04 A1H C . -1.90 2.48 -1.19
C05 A1H C . -2.60 2.17 -2.32
C06 A1H C . -2.44 3.21 -3.21
N07 A1H C . -1.69 4.10 -2.66
N08 A1H C . -1.34 3.64 -1.37
C09 A1H C . -1.31 0.27 0.03
N10 A1H C . -1.32 -0.17 1.37
N11 A1H C . -1.81 0.91 2.22
C12 A1H C . -1.96 0.83 3.60
N13 A1H C . -1.48 -0.30 4.30
C14 A1H C . -1.62 -0.38 5.60
N15 A1H C . -2.21 0.60 6.32
C16 A1H C . -2.70 1.75 5.72
N17 A1H C . -3.32 2.79 6.49
C18 A1H C . -4.55 2.52 7.11
C19 A1H C . -4.81 3.48 8.28
O20 A1H C . -4.62 4.87 7.95
C21 A1H C . -3.51 5.16 7.13
C22 A1H C . -3.23 4.10 6.02
C23 A1H C . -2.58 1.89 4.32
H051 A1H C . -3.15 1.31 -2.47
H061 A1H C . -2.84 3.27 -4.12
H091 A1H C . -1.03 -0.23 -0.73
H101 A1H C . -1.08 -1.00 1.67
H141 A1H C . -1.28 -1.18 6.08
H182 A1H C . -4.53 1.60 7.46
H181 A1H C . -5.28 2.60 6.45
H191 A1H C . -4.18 3.25 9.06
H192 A1H C . -5.75 3.36 8.60
H212 A1H C . -3.67 6.09 6.68
H211 A1H C . -2.74 5.22 7.69
H221 A1H C . -3.89 4.23 5.30
H222 A1H C . -2.31 4.25 5.67
H231 A1H C . -2.94 2.73 3.83
S SO4 D . 8.71 -18.44 -0.73
O1 SO4 D . 8.31 -19.59 0.08
O2 SO4 D . 8.47 -18.76 -2.14
O3 SO4 D . 7.93 -17.28 -0.35
O4 SO4 D . 10.13 -18.17 -0.53
S SO4 E . 3.59 25.55 1.35
O1 SO4 E . 3.23 26.91 0.96
O2 SO4 E . 3.46 24.65 0.20
O3 SO4 E . 2.69 25.09 2.41
O4 SO4 E . 4.96 25.53 1.83
S SO4 F . -3.29 -4.26 -22.05
O1 SO4 F . -2.95 -5.67 -22.23
O2 SO4 F . -2.91 -3.52 -23.24
O3 SO4 F . -2.60 -3.73 -20.89
O4 SO4 F . -4.74 -4.14 -21.84
C1 GOL G . -4.90 -1.13 6.60
O1 GOL G . -6.26 -0.77 6.48
C2 GOL G . -4.78 -2.57 7.10
O2 GOL G . -5.90 -3.32 6.69
C3 GOL G . -3.51 -3.19 6.55
O3 GOL G . -3.45 -4.55 6.90
H11 GOL G . -4.41 -0.45 7.31
H12 GOL G . -4.41 -1.03 5.64
HO1 GOL G . -6.34 0.16 6.23
H2 GOL G . -4.72 -2.55 8.20
HO2 GOL G . -5.94 -3.35 5.72
H31 GOL G . -2.64 -2.67 6.96
H32 GOL G . -3.49 -3.09 5.47
HO3 GOL G . -2.52 -4.87 6.84
C1 GOL H . 11.55 6.94 4.19
O1 GOL H . 12.44 7.31 3.18
C2 GOL H . 12.33 6.03 5.11
O2 GOL H . 13.47 6.71 5.57
C3 GOL H . 11.46 5.61 6.29
O3 GOL H . 12.32 5.09 7.28
H11 GOL H . 10.69 6.41 3.76
H12 GOL H . 11.19 7.82 4.72
HO1 GOL H . 11.97 7.86 2.50
H2 GOL H . 12.63 5.13 4.57
HO2 GOL H . 13.19 7.50 6.08
H31 GOL H . 10.75 4.84 5.98
H32 GOL H . 10.91 6.46 6.69
HO3 GOL H . 13.25 5.29 7.06
#